data_6Q6X
#
_entry.id   6Q6X
#
_cell.length_a   52.474
_cell.length_b   59.416
_cell.length_c   72.060
_cell.angle_alpha   90.000
_cell.angle_beta   106.120
_cell.angle_gamma   90.000
#
_symmetry.space_group_name_H-M   'P 1 21 1'
#
loop_
_entity.id
_entity.type
_entity.pdbx_description
1 polymer 'Fucose-binding lectin'
2 polymer SB6
3 non-polymer 'CALCIUM ION'
4 non-polymer '3,7-anhydro-2,8-dideoxy-L-glycero-D-gluco-octonic acid'
5 non-polymer 'AMINO GROUP'
6 water water
#
loop_
_entity_poly.entity_id
_entity_poly.type
_entity_poly.pdbx_seq_one_letter_code
_entity_poly.pdbx_strand_id
1 'polypeptide(L)'
;ATQGVFTLPANTRFGVTAFANSSGTQTVNVLVNNETAATFSGQSTNNAVIGTQVLNSGSSGKVQVQVSVNGRPSDLVSAQ
VILTNELNFALVGSEDGTDNDYNDAVVVINWPLG
;
A,B,C,D
2 'polypeptide(D)' (DLY)(DTY)(DLY)(DLY)(DAL)(DLE)(DLY)(DLY)(DLE)(DAL)(DLY)(DLE) E,F,G,H
#
# COMPACT_ATOMS: atom_id res chain seq x y z
N ALA A 1 -22.07 -18.30 -5.02
CA ALA A 1 -22.66 -17.60 -3.87
C ALA A 1 -22.09 -16.21 -3.68
N THR A 2 -22.82 -15.37 -2.96
CA THR A 2 -22.30 -14.09 -2.53
C THR A 2 -21.05 -14.30 -1.69
N GLN A 3 -20.05 -13.47 -1.94
CA GLN A 3 -18.79 -13.53 -1.21
C GLN A 3 -18.42 -12.13 -0.77
N GLY A 4 -17.59 -12.04 0.27
CA GLY A 4 -17.12 -10.75 0.74
C GLY A 4 -18.12 -10.00 1.62
N VAL A 5 -19.17 -10.67 2.07
CA VAL A 5 -20.17 -10.06 2.94
C VAL A 5 -20.16 -10.79 4.28
N PHE A 6 -20.06 -10.01 5.37
CA PHE A 6 -19.95 -10.60 6.70
C PHE A 6 -20.87 -9.86 7.65
N THR A 7 -21.59 -10.61 8.48
CA THR A 7 -22.40 -10.00 9.54
C THR A 7 -21.58 -9.96 10.82
N LEU A 8 -21.13 -8.79 11.20
CA LEU A 8 -20.46 -8.62 12.47
C LEU A 8 -21.48 -8.26 13.53
N PRO A 9 -21.12 -8.34 14.80
CA PRO A 9 -21.95 -7.70 15.82
C PRO A 9 -22.13 -6.24 15.47
N ALA A 10 -23.34 -5.75 15.66
CA ALA A 10 -23.68 -4.40 15.23
C ALA A 10 -22.91 -3.37 16.06
N ASN A 11 -22.57 -2.25 15.41
CA ASN A 11 -22.05 -1.07 16.12
C ASN A 11 -20.75 -1.40 16.85
N THR A 12 -19.91 -2.23 16.23
CA THR A 12 -18.72 -2.77 16.86
C THR A 12 -17.49 -2.41 16.03
N ARG A 13 -16.39 -2.08 16.72
CA ARG A 13 -15.15 -1.77 16.01
C ARG A 13 -14.52 -3.01 15.41
N PHE A 14 -13.95 -2.85 14.23
CA PHE A 14 -13.17 -3.93 13.62
C PHE A 14 -12.00 -3.34 12.86
N GLY A 15 -10.97 -4.17 12.67
CA GLY A 15 -9.85 -3.81 11.83
C GLY A 15 -10.04 -4.37 10.43
N VAL A 16 -9.59 -3.62 9.43
CA VAL A 16 -9.62 -4.10 8.06
C VAL A 16 -8.30 -3.72 7.42
N THR A 17 -7.65 -4.69 6.77
CA THR A 17 -6.31 -4.53 6.23
C THR A 17 -6.27 -5.20 4.86
N ALA A 18 -5.63 -4.55 3.90
CA ALA A 18 -5.55 -5.09 2.54
C ALA A 18 -4.10 -5.24 2.08
N PHE A 19 -3.84 -6.33 1.36
CA PHE A 19 -2.53 -6.66 0.80
C PHE A 19 -2.66 -6.82 -0.71
N ALA A 20 -1.64 -6.41 -1.45
CA ALA A 20 -1.67 -6.51 -2.91
C ALA A 20 -0.64 -7.50 -3.44
N ASN A 21 -1.05 -8.31 -4.44
CA ASN A 21 -0.18 -9.31 -5.10
C ASN A 21 -0.58 -9.43 -6.58
N SER A 22 -0.29 -8.39 -7.37
CA SER A 22 -0.74 -8.38 -8.76
C SER A 22 -0.01 -7.28 -9.53
N SER A 23 0.16 -7.51 -10.83
CA SER A 23 0.67 -6.41 -11.65
C SER A 23 -0.32 -5.27 -11.76
N GLY A 24 -1.60 -5.53 -11.51
CA GLY A 24 -2.63 -4.48 -11.66
C GLY A 24 -2.82 -3.72 -10.36
N THR A 25 -3.07 -2.43 -10.49
CA THR A 25 -3.36 -1.60 -9.32
C THR A 25 -4.71 -2.01 -8.73
N GLN A 26 -4.70 -2.35 -7.44
CA GLN A 26 -5.90 -2.80 -6.75
C GLN A 26 -6.62 -1.63 -6.11
N THR A 27 -7.95 -1.66 -6.15
CA THR A 27 -8.78 -0.72 -5.41
C THR A 27 -9.73 -1.55 -4.57
N VAL A 28 -9.64 -1.39 -3.25
CA VAL A 28 -10.41 -2.17 -2.30
C VAL A 28 -11.37 -1.21 -1.61
N ASN A 29 -12.66 -1.49 -1.72
CA ASN A 29 -13.69 -0.70 -1.04
C ASN A 29 -14.30 -1.52 0.08
N VAL A 30 -14.40 -0.92 1.26
CA VAL A 30 -15.01 -1.56 2.43
C VAL A 30 -16.29 -0.79 2.73
N LEU A 31 -17.41 -1.50 2.72
CA LEU A 31 -18.73 -0.89 2.88
C LEU A 31 -19.29 -1.19 4.26
N VAL A 32 -19.80 -0.14 4.91
CA VAL A 32 -20.56 -0.23 6.15
C VAL A 32 -21.81 0.63 5.95
N ASN A 33 -22.96 0.19 6.50
CA ASN A 33 -24.25 0.81 6.21
C ASN A 33 -24.48 0.92 4.71
N ASN A 34 -24.00 -0.09 3.97
CA ASN A 34 -24.24 -0.20 2.52
C ASN A 34 -23.64 0.96 1.72
N GLU A 35 -22.54 1.54 2.19
CA GLU A 35 -21.85 2.59 1.45
C GLU A 35 -20.37 2.49 1.73
N THR A 36 -19.57 3.04 0.82
CA THR A 36 -18.12 2.93 0.96
C THR A 36 -17.65 3.72 2.17
N ALA A 37 -16.99 3.03 3.09
CA ALA A 37 -16.44 3.63 4.30
C ALA A 37 -14.93 3.76 4.28
N ALA A 38 -14.24 2.94 3.50
CA ALA A 38 -12.81 3.03 3.32
C ALA A 38 -12.47 2.55 1.92
N THR A 39 -11.43 3.16 1.34
CA THR A 39 -10.89 2.75 0.05
C THR A 39 -9.38 2.65 0.17
N PHE A 40 -8.83 1.49 -0.16
CA PHE A 40 -7.40 1.27 -0.17
C PHE A 40 -6.95 1.01 -1.59
N SER A 41 -5.73 1.44 -1.94
CA SER A 41 -5.24 1.18 -3.28
C SER A 41 -3.73 1.11 -3.28
N GLY A 42 -3.19 0.28 -4.18
CA GLY A 42 -1.76 0.20 -4.38
C GLY A 42 -1.45 -0.81 -5.47
N GLN A 43 -0.17 -0.98 -5.74
CA GLN A 43 0.27 -1.96 -6.73
C GLN A 43 1.55 -2.62 -6.25
N SER A 44 1.45 -3.91 -5.96
CA SER A 44 2.57 -4.66 -5.43
C SER A 44 2.41 -6.11 -5.87
N THR A 45 3.53 -6.77 -6.20
CA THR A 45 3.55 -8.22 -6.29
C THR A 45 4.32 -8.84 -5.13
N ASN A 46 4.39 -8.13 -3.99
CA ASN A 46 5.12 -8.61 -2.83
C ASN A 46 4.36 -8.32 -1.54
N ASN A 47 3.03 -8.36 -1.59
CA ASN A 47 2.18 -8.36 -0.39
C ASN A 47 2.19 -7.03 0.35
N ALA A 48 2.35 -5.91 -0.36
CA ALA A 48 2.35 -4.62 0.33
C ALA A 48 1.02 -4.40 1.07
N VAL A 49 1.11 -3.80 2.25
CA VAL A 49 -0.09 -3.48 3.03
C VAL A 49 -0.59 -2.13 2.54
N ILE A 50 -1.44 -2.17 1.51
CA ILE A 50 -1.85 -0.93 0.85
C ILE A 50 -2.81 -0.12 1.69
N GLY A 51 -3.42 -0.71 2.70
CA GLY A 51 -4.20 0.08 3.64
C GLY A 51 -4.59 -0.72 4.86
N THR A 52 -4.85 0.01 5.94
CA THR A 52 -5.38 -0.59 7.17
C THR A 52 -6.13 0.50 7.91
N GLN A 53 -7.22 0.12 8.57
CA GLN A 53 -8.11 1.10 9.18
C GLN A 53 -8.95 0.40 10.24
N VAL A 54 -9.38 1.18 11.23
CA VAL A 54 -10.36 0.73 12.21
C VAL A 54 -11.70 1.37 11.85
N LEU A 55 -12.71 0.53 11.64
CA LEU A 55 -14.04 0.98 11.26
C LEU A 55 -15.06 0.47 12.27
N ASN A 56 -16.30 0.93 12.11
CA ASN A 56 -17.41 0.47 12.93
C ASN A 56 -18.39 -0.28 12.03
N SER A 57 -18.89 -1.42 12.51
CA SER A 57 -19.71 -2.32 11.69
C SER A 57 -21.09 -1.78 11.37
N GLY A 58 -21.53 -0.69 11.99
CA GLY A 58 -22.76 -0.03 11.59
C GLY A 58 -24.01 -0.62 12.20
N SER A 59 -25.15 -0.04 11.75
CA SER A 59 -26.46 -0.35 12.33
C SER A 59 -26.74 -1.84 12.33
N SER A 60 -26.51 -2.49 11.19
CA SER A 60 -26.85 -3.90 11.02
C SER A 60 -25.66 -4.84 11.26
N GLY A 61 -24.45 -4.32 11.37
CA GLY A 61 -23.27 -5.16 11.42
C GLY A 61 -22.78 -5.65 10.08
N LYS A 62 -23.50 -5.38 9.00
CA LYS A 62 -23.14 -5.94 7.69
C LYS A 62 -21.94 -5.21 7.12
N VAL A 63 -20.85 -5.93 6.90
CA VAL A 63 -19.64 -5.36 6.30
C VAL A 63 -19.42 -6.06 4.96
N GLN A 64 -19.13 -5.27 3.92
CA GLN A 64 -18.93 -5.80 2.58
C GLN A 64 -17.60 -5.31 2.02
N VAL A 65 -16.90 -6.23 1.34
CA VAL A 65 -15.64 -5.92 0.68
C VAL A 65 -15.84 -6.04 -0.82
N GLN A 66 -15.42 -5.04 -1.58
CA GLN A 66 -15.45 -5.11 -3.03
C GLN A 66 -14.09 -4.70 -3.57
N VAL A 67 -13.63 -5.38 -4.62
CA VAL A 67 -12.30 -5.14 -5.19
C VAL A 67 -12.47 -4.89 -6.68
N SER A 68 -11.76 -3.90 -7.20
CA SER A 68 -11.75 -3.65 -8.62
C SER A 68 -10.33 -3.35 -9.07
N VAL A 69 -10.07 -3.64 -10.35
CA VAL A 69 -8.80 -3.39 -10.98
C VAL A 69 -9.10 -2.74 -12.33
N ASN A 70 -8.58 -1.54 -12.53
CA ASN A 70 -8.89 -0.69 -13.70
C ASN A 70 -10.38 -0.69 -14.01
N GLY A 71 -11.18 -0.51 -12.95
CA GLY A 71 -12.62 -0.36 -13.10
C GLY A 71 -13.38 -1.64 -13.35
N ARG A 72 -12.72 -2.80 -13.34
CA ARG A 72 -13.42 -4.07 -13.51
C ARG A 72 -13.50 -4.79 -12.18
N PRO A 73 -14.67 -5.26 -11.75
CA PRO A 73 -14.77 -5.93 -10.46
C PRO A 73 -14.05 -7.28 -10.47
N SER A 74 -13.25 -7.52 -9.43
CA SER A 74 -12.60 -8.82 -9.28
C SER A 74 -13.56 -9.85 -8.71
N ASP A 75 -13.29 -11.12 -9.02
CA ASP A 75 -14.05 -12.21 -8.42
C ASP A 75 -13.55 -12.46 -7.01
N LEU A 76 -14.46 -12.68 -6.06
CA LEU A 76 -14.12 -12.80 -4.66
C LEU A 76 -14.33 -14.21 -4.12
N VAL A 77 -13.50 -14.58 -3.14
CA VAL A 77 -13.73 -15.74 -2.28
C VAL A 77 -13.57 -15.29 -0.84
N SER A 78 -14.29 -15.93 0.06
CA SER A 78 -14.31 -15.44 1.43
C SER A 78 -14.75 -16.54 2.41
N ALA A 79 -14.44 -16.30 3.68
CA ALA A 79 -14.87 -17.16 4.77
C ALA A 79 -14.63 -16.41 6.08
N GLN A 80 -15.33 -16.85 7.13
CA GLN A 80 -15.10 -16.35 8.48
C GLN A 80 -14.62 -17.50 9.35
N VAL A 81 -13.61 -17.23 10.18
CA VAL A 81 -13.03 -18.21 11.09
C VAL A 81 -13.06 -17.65 12.49
N ILE A 82 -13.41 -18.49 13.47
CA ILE A 82 -13.45 -18.08 14.87
C ILE A 82 -12.58 -19.01 15.70
N LEU A 83 -11.64 -18.44 16.44
CA LEU A 83 -10.74 -19.19 17.30
C LEU A 83 -11.14 -19.00 18.77
N THR A 84 -11.07 -20.11 19.51
CA THR A 84 -11.47 -20.24 20.91
C THR A 84 -12.74 -19.45 21.22
N ASN A 85 -13.71 -19.53 20.29
CA ASN A 85 -15.05 -18.99 20.48
C ASN A 85 -15.05 -17.50 20.77
N GLU A 86 -14.02 -16.79 20.30
CA GLU A 86 -13.78 -15.43 20.75
C GLU A 86 -13.14 -14.54 19.70
N LEU A 87 -12.15 -15.04 18.98
CA LEU A 87 -11.35 -14.21 18.08
C LEU A 87 -11.82 -14.46 16.65
N ASN A 88 -12.22 -13.40 15.96
CA ASN A 88 -12.89 -13.51 14.66
C ASN A 88 -12.02 -12.98 13.54
N PHE A 89 -11.94 -13.74 12.45
CA PHE A 89 -11.33 -13.30 11.20
C PHE A 89 -12.36 -13.40 10.10
N ALA A 90 -12.50 -12.35 9.30
CA ALA A 90 -13.23 -12.41 8.05
C ALA A 90 -12.21 -12.23 6.93
N LEU A 91 -12.15 -13.19 6.01
CA LEU A 91 -11.05 -13.31 5.06
C LEU A 91 -11.58 -13.20 3.65
N VAL A 92 -10.90 -12.43 2.81
CA VAL A 92 -11.31 -12.24 1.42
C VAL A 92 -10.09 -12.42 0.53
N GLY A 93 -10.24 -13.21 -0.53
CA GLY A 93 -9.29 -13.19 -1.62
C GLY A 93 -9.97 -12.69 -2.88
N SER A 94 -9.20 -12.24 -3.85
CA SER A 94 -9.81 -11.68 -5.04
C SER A 94 -8.94 -11.98 -6.24
N GLU A 95 -9.57 -12.08 -7.41
CA GLU A 95 -8.89 -12.51 -8.64
C GLU A 95 -9.21 -11.51 -9.74
N ASP A 96 -8.18 -10.90 -10.31
CA ASP A 96 -8.36 -9.91 -11.36
C ASP A 96 -8.07 -10.46 -12.75
N GLY A 97 -7.74 -11.73 -12.87
CA GLY A 97 -7.27 -12.30 -14.13
C GLY A 97 -7.60 -13.77 -14.27
N THR A 98 -6.66 -14.54 -14.81
CA THR A 98 -6.92 -15.90 -15.24
C THR A 98 -6.12 -16.97 -14.53
N ASP A 99 -5.17 -16.61 -13.66
CA ASP A 99 -4.34 -17.63 -13.01
C ASP A 99 -4.98 -18.21 -11.76
N ASN A 100 -6.08 -17.62 -11.29
CA ASN A 100 -6.85 -18.13 -10.17
C ASN A 100 -5.99 -18.31 -8.91
N ASP A 101 -5.06 -17.39 -8.66
CA ASP A 101 -4.40 -17.43 -7.37
C ASP A 101 -5.18 -16.72 -6.28
N TYR A 102 -6.14 -15.85 -6.65
CA TYR A 102 -7.05 -15.20 -5.69
C TYR A 102 -6.33 -14.45 -4.59
N ASN A 103 -5.10 -13.99 -4.86
CA ASN A 103 -4.36 -13.19 -3.89
C ASN A 103 -4.15 -11.77 -4.36
N ASP A 104 -4.80 -11.38 -5.47
CA ASP A 104 -4.45 -10.12 -6.14
C ASP A 104 -4.72 -8.94 -5.22
N ALA A 105 -5.84 -8.97 -4.51
CA ALA A 105 -6.00 -8.21 -3.27
C ALA A 105 -6.51 -9.19 -2.24
N VAL A 106 -5.85 -9.20 -1.08
CA VAL A 106 -6.23 -10.02 0.06
C VAL A 106 -6.68 -9.07 1.14
N VAL A 107 -7.84 -9.34 1.75
CA VAL A 107 -8.38 -8.49 2.79
C VAL A 107 -8.63 -9.32 4.04
N VAL A 108 -8.19 -8.82 5.18
CA VAL A 108 -8.36 -9.46 6.47
C VAL A 108 -9.10 -8.49 7.38
N ILE A 109 -10.25 -8.92 7.89
CA ILE A 109 -11.03 -8.18 8.88
C ILE A 109 -10.91 -8.94 10.20
N ASN A 110 -10.62 -8.22 11.29
CA ASN A 110 -10.51 -8.91 12.57
C ASN A 110 -11.25 -8.15 13.66
N TRP A 111 -11.84 -8.90 14.58
CA TRP A 111 -12.47 -8.32 15.76
C TRP A 111 -12.56 -9.41 16.82
N PRO A 112 -12.77 -9.03 18.10
CA PRO A 112 -12.85 -7.66 18.63
C PRO A 112 -11.48 -7.01 18.71
N LEU A 113 -11.48 -5.70 18.88
CA LEU A 113 -10.26 -4.92 19.05
C LEU A 113 -10.09 -4.54 20.51
N GLY A 114 -8.94 -3.94 20.80
CA GLY A 114 -8.71 -3.31 22.09
C GLY A 114 -8.14 -4.22 23.16
N ALA C 1 17.22 21.55 8.25
CA ALA C 1 15.87 22.12 8.13
C ALA C 1 14.82 21.03 8.18
N THR C 2 13.64 21.39 8.66
CA THR C 2 12.49 20.50 8.60
C THR C 2 12.23 20.05 7.16
N GLN C 3 11.95 18.75 7.01
CA GLN C 3 11.62 18.15 5.73
C GLN C 3 10.36 17.33 5.87
N GLY C 4 9.64 17.17 4.77
CA GLY C 4 8.42 16.38 4.78
C GLY C 4 7.20 17.08 5.31
N VAL C 5 7.25 18.41 5.50
CA VAL C 5 6.10 19.17 6.00
C VAL C 5 5.68 20.16 4.94
N PHE C 6 4.40 20.14 4.57
CA PHE C 6 3.90 21.00 3.51
C PHE C 6 2.63 21.71 3.95
N THR C 7 2.50 22.98 3.58
CA THR C 7 1.26 23.72 3.80
C THR C 7 0.46 23.72 2.51
N LEU C 8 -0.66 23.02 2.53
CA LEU C 8 -1.59 22.98 1.43
C LEU C 8 -2.69 24.01 1.65
N PRO C 9 -3.39 24.42 0.58
CA PRO C 9 -4.61 25.20 0.79
C PRO C 9 -5.54 24.42 1.71
N ALA C 10 -6.27 25.14 2.55
CA ALA C 10 -7.14 24.48 3.51
C ALA C 10 -8.30 23.78 2.82
N ASN C 11 -8.76 22.69 3.43
CA ASN C 11 -9.94 21.95 3.00
C ASN C 11 -9.87 21.56 1.53
N THR C 12 -8.71 21.04 1.13
CA THR C 12 -8.44 20.70 -0.26
C THR C 12 -8.06 19.23 -0.35
N ARG C 13 -8.68 18.52 -1.28
CA ARG C 13 -8.35 17.11 -1.49
C ARG C 13 -7.02 16.98 -2.20
N PHE C 14 -6.21 16.02 -1.78
CA PHE C 14 -4.92 15.77 -2.40
C PHE C 14 -4.68 14.28 -2.45
N GLY C 15 -3.82 13.86 -3.38
CA GLY C 15 -3.38 12.49 -3.47
C GLY C 15 -2.06 12.32 -2.76
N VAL C 16 -1.85 11.17 -2.13
CA VAL C 16 -0.56 10.82 -1.57
C VAL C 16 -0.25 9.38 -1.95
N THR C 17 0.96 9.17 -2.47
CA THR C 17 1.35 7.90 -3.07
C THR C 17 2.75 7.56 -2.60
N ALA C 18 2.95 6.32 -2.15
CA ALA C 18 4.26 5.90 -1.63
C ALA C 18 4.83 4.76 -2.46
N PHE C 19 6.12 4.87 -2.77
CA PHE C 19 6.90 3.87 -3.50
C PHE C 19 8.01 3.34 -2.60
N ALA C 20 8.35 2.06 -2.76
CA ALA C 20 9.40 1.44 -1.96
C ALA C 20 10.56 0.94 -2.82
N ASN C 21 11.79 1.17 -2.35
CA ASN C 21 13.00 0.72 -3.03
C ASN C 21 14.06 0.36 -1.98
N SER C 22 13.88 -0.78 -1.31
CA SER C 22 14.73 -1.13 -0.18
C SER C 22 14.45 -2.57 0.20
N SER C 23 15.46 -3.21 0.78
CA SER C 23 15.24 -4.54 1.38
C SER C 23 14.42 -4.44 2.66
N GLY C 24 14.34 -3.27 3.28
CA GLY C 24 13.59 -3.11 4.51
C GLY C 24 12.15 -2.71 4.26
N THR C 25 11.26 -3.21 5.12
CA THR C 25 9.86 -2.81 5.07
C THR C 25 9.73 -1.33 5.38
N GLN C 26 9.10 -0.58 4.48
CA GLN C 26 8.88 0.83 4.72
C GLN C 26 7.52 1.04 5.36
N THR C 27 7.47 1.87 6.39
CA THR C 27 6.23 2.35 6.98
C THR C 27 6.12 3.83 6.68
N VAL C 28 5.10 4.22 5.93
CA VAL C 28 4.87 5.62 5.58
C VAL C 28 3.62 6.08 6.32
N ASN C 29 3.76 7.12 7.13
CA ASN C 29 2.63 7.73 7.84
C ASN C 29 2.43 9.13 7.31
N VAL C 30 1.21 9.44 6.93
CA VAL C 30 0.83 10.76 6.44
C VAL C 30 -0.06 11.41 7.50
N LEU C 31 0.37 12.54 8.01
CA LEU C 31 -0.32 13.24 9.07
C LEU C 31 -1.00 14.48 8.52
N VAL C 32 -2.24 14.70 8.95
CA VAL C 32 -2.97 15.93 8.62
C VAL C 32 -3.39 16.56 9.92
N ASN C 33 -3.05 17.84 10.09
CA ASN C 33 -3.25 18.55 11.36
C ASN C 33 -2.68 17.74 12.53
N ASN C 34 -1.48 17.18 12.33
CA ASN C 34 -0.71 16.48 13.35
C ASN C 34 -1.34 15.16 13.80
N GLU C 35 -2.28 14.61 13.04
CA GLU C 35 -2.86 13.30 13.32
C GLU C 35 -2.69 12.39 12.12
N THR C 36 -2.33 11.12 12.35
CA THR C 36 -2.15 10.21 11.24
C THR C 36 -3.47 10.04 10.50
N ALA C 37 -3.42 10.25 9.17
CA ALA C 37 -4.57 10.12 8.29
C ALA C 37 -4.44 8.97 7.29
N ALA C 38 -3.23 8.54 6.98
CA ALA C 38 -3.03 7.39 6.12
C ALA C 38 -1.73 6.72 6.53
N THR C 39 -1.71 5.38 6.42
CA THR C 39 -0.50 4.63 6.68
C THR C 39 -0.38 3.54 5.63
N PHE C 40 0.82 3.40 5.08
CA PHE C 40 1.15 2.37 4.10
C PHE C 40 2.38 1.61 4.59
N SER C 41 2.39 0.29 4.39
CA SER C 41 3.56 -0.51 4.73
C SER C 41 3.86 -1.49 3.62
N GLY C 42 5.14 -1.68 3.33
CA GLY C 42 5.49 -2.68 2.35
C GLY C 42 6.96 -2.73 2.03
N GLN C 43 7.37 -3.81 1.38
CA GLN C 43 8.76 -4.01 1.01
C GLN C 43 8.83 -4.27 -0.48
N SER C 44 9.68 -3.51 -1.16
CA SER C 44 9.91 -3.65 -2.59
C SER C 44 11.29 -3.10 -2.92
N THR C 45 11.99 -3.75 -3.85
CA THR C 45 13.16 -3.16 -4.47
C THR C 45 12.89 -2.78 -5.92
N ASN C 46 11.60 -2.71 -6.30
CA ASN C 46 11.20 -2.49 -7.68
C ASN C 46 10.12 -1.41 -7.75
N ASN C 47 10.15 -0.45 -6.83
CA ASN C 47 9.31 0.74 -6.92
C ASN C 47 7.82 0.43 -6.83
N ALA C 48 7.44 -0.60 -6.08
CA ALA C 48 6.03 -0.90 -5.90
C ALA C 48 5.31 0.27 -5.25
N VAL C 49 4.06 0.49 -5.65
CA VAL C 49 3.21 1.48 -5.02
C VAL C 49 2.65 0.83 -3.77
N ILE C 50 3.31 1.04 -2.62
CA ILE C 50 2.85 0.37 -1.41
C ILE C 50 1.60 1.00 -0.84
N GLY C 51 1.18 2.15 -1.39
CA GLY C 51 -0.13 2.68 -1.06
C GLY C 51 -0.40 4.00 -1.74
N THR C 52 -1.67 4.26 -2.06
CA THR C 52 -2.09 5.57 -2.54
C THR C 52 -3.45 5.85 -1.93
N GLN C 53 -3.71 7.13 -1.67
CA GLN C 53 -4.89 7.54 -0.94
C GLN C 53 -5.22 8.98 -1.31
N VAL C 54 -6.52 9.30 -1.24
CA VAL C 54 -6.98 10.68 -1.36
C VAL C 54 -7.35 11.16 0.04
N LEU C 55 -6.80 12.30 0.44
CA LEU C 55 -7.08 12.86 1.76
C LEU C 55 -7.51 14.32 1.60
N ASN C 56 -8.04 14.87 2.68
CA ASN C 56 -8.44 16.26 2.74
C ASN C 56 -7.49 16.99 3.67
N SER C 57 -6.97 18.14 3.23
CA SER C 57 -5.96 18.85 3.98
C SER C 57 -6.51 19.48 5.26
N GLY C 58 -7.82 19.56 5.40
CA GLY C 58 -8.39 20.03 6.65
C GLY C 58 -8.25 21.53 6.86
N SER C 59 -8.59 21.93 8.09
CA SER C 59 -8.69 23.35 8.41
C SER C 59 -7.33 24.04 8.40
N SER C 60 -6.26 23.32 8.73
CA SER C 60 -4.95 23.93 8.85
C SER C 60 -4.11 23.81 7.59
N GLY C 61 -4.47 22.89 6.69
CA GLY C 61 -3.66 22.61 5.52
C GLY C 61 -2.31 21.96 5.79
N LYS C 62 -1.98 21.64 7.04
CA LYS C 62 -0.66 21.09 7.36
C LYS C 62 -0.62 19.58 7.10
N VAL C 63 0.26 19.17 6.19
CA VAL C 63 0.45 17.76 5.84
C VAL C 63 1.89 17.41 6.13
N GLN C 64 2.10 16.29 6.82
CA GLN C 64 3.44 15.85 7.18
C GLN C 64 3.61 14.38 6.81
N VAL C 65 4.75 14.06 6.21
CA VAL C 65 5.10 12.69 5.84
C VAL C 65 6.22 12.23 6.76
N GLN C 66 6.02 11.08 7.37
CA GLN C 66 7.06 10.44 8.16
C GLN C 66 7.31 9.04 7.62
N VAL C 67 8.57 8.62 7.61
CA VAL C 67 8.94 7.31 7.12
C VAL C 67 9.81 6.64 8.17
N SER C 68 9.53 5.37 8.46
CA SER C 68 10.36 4.63 9.39
C SER C 68 10.49 3.20 8.88
N VAL C 69 11.56 2.55 9.32
CA VAL C 69 11.78 1.13 9.04
C VAL C 69 11.85 0.45 10.38
N ASN C 70 10.85 -0.39 10.67
CA ASN C 70 10.70 -1.07 11.96
C ASN C 70 10.93 -0.11 13.12
N GLY C 71 10.28 1.05 13.04
CA GLY C 71 10.29 2.02 14.12
C GLY C 71 11.42 3.04 14.06
N ARG C 72 12.45 2.81 13.25
CA ARG C 72 13.56 3.74 13.18
C ARG C 72 13.26 4.80 12.13
N PRO C 73 13.20 6.08 12.48
CA PRO C 73 12.88 7.10 11.48
C PRO C 73 13.97 7.22 10.42
N SER C 74 13.54 7.31 9.18
CA SER C 74 14.44 7.52 8.06
C SER C 74 14.76 9.01 7.91
N ASP C 75 15.90 9.31 7.31
CA ASP C 75 16.27 10.69 7.02
C ASP C 75 15.52 11.16 5.78
N LEU C 76 14.86 12.31 5.86
CA LEU C 76 13.98 12.78 4.81
C LEU C 76 14.59 13.95 4.02
N VAL C 77 14.24 14.01 2.73
CA VAL C 77 14.48 15.17 1.89
C VAL C 77 13.17 15.49 1.17
N SER C 78 12.94 16.76 0.89
CA SER C 78 11.64 17.13 0.33
C SER C 78 11.71 18.47 -0.38
N ALA C 79 10.71 18.71 -1.22
CA ALA C 79 10.52 20.00 -1.88
C ALA C 79 9.14 20.02 -2.49
N GLN C 80 8.67 21.20 -2.84
CA GLN C 80 7.40 21.36 -3.53
C GLN C 80 7.67 22.07 -4.84
N VAL C 81 6.97 21.64 -5.89
CA VAL C 81 7.11 22.24 -7.22
C VAL C 81 5.72 22.49 -7.79
N ILE C 82 5.57 23.63 -8.46
CA ILE C 82 4.30 24.05 -9.04
C ILE C 82 4.51 24.31 -10.52
N LEU C 83 3.69 23.67 -11.36
CA LEU C 83 3.75 23.83 -12.80
C LEU C 83 2.56 24.66 -13.28
N THR C 84 2.83 25.55 -14.24
CA THR C 84 1.87 26.51 -14.82
C THR C 84 0.96 27.12 -13.76
N ASN C 85 1.53 27.42 -12.59
CA ASN C 85 0.87 28.18 -11.53
C ASN C 85 -0.41 27.50 -11.07
N GLU C 86 -0.48 26.17 -11.22
CA GLU C 86 -1.73 25.46 -11.00
C GLU C 86 -1.52 24.07 -10.40
N LEU C 87 -0.55 23.32 -10.90
CA LEU C 87 -0.39 21.91 -10.56
C LEU C 87 0.73 21.75 -9.55
N ASN C 88 0.40 21.18 -8.39
CA ASN C 88 1.31 21.13 -7.25
C ASN C 88 1.79 19.72 -7.00
N PHE C 89 3.10 19.57 -6.79
CA PHE C 89 3.71 18.34 -6.32
C PHE C 89 4.46 18.63 -5.04
N ALA C 90 4.23 17.81 -4.02
CA ALA C 90 5.08 17.79 -2.83
C ALA C 90 5.83 16.48 -2.85
N LEU C 91 7.16 16.54 -2.80
CA LEU C 91 8.02 15.40 -3.09
C LEU C 91 8.80 15.03 -1.84
N VAL C 92 8.87 13.73 -1.53
CA VAL C 92 9.62 13.26 -0.37
C VAL C 92 10.49 12.09 -0.79
N GLY C 93 11.75 12.12 -0.39
CA GLY C 93 12.62 10.96 -0.46
C GLY C 93 13.13 10.61 0.92
N SER C 94 13.67 9.41 1.10
CA SER C 94 14.07 9.00 2.44
C SER C 94 15.16 7.95 2.36
N GLU C 95 15.99 7.91 3.38
CA GLU C 95 17.13 6.99 3.45
C GLU C 95 17.06 6.20 4.75
N ASP C 96 17.10 4.88 4.64
CA ASP C 96 17.01 4.02 5.80
C ASP C 96 18.34 3.38 6.19
N GLY C 97 19.41 3.71 5.48
CA GLY C 97 20.69 3.00 5.65
C GLY C 97 21.86 3.87 5.33
N THR C 98 22.90 3.27 4.74
CA THR C 98 24.17 3.94 4.52
C THR C 98 24.46 4.32 3.08
N ASP C 99 23.74 3.77 2.09
CA ASP C 99 24.16 4.03 0.71
C ASP C 99 23.69 5.38 0.19
N ASN C 100 22.77 6.05 0.88
CA ASN C 100 22.34 7.41 0.55
C ASN C 100 21.78 7.52 -0.86
N ASP C 101 20.99 6.51 -1.29
CA ASP C 101 20.26 6.70 -2.53
C ASP C 101 18.94 7.44 -2.31
N TYR C 102 18.47 7.53 -1.07
CA TYR C 102 17.30 8.34 -0.69
C TYR C 102 16.04 7.98 -1.47
N ASN C 103 15.94 6.75 -1.95
CA ASN C 103 14.75 6.28 -2.65
C ASN C 103 14.01 5.19 -1.87
N ASP C 104 14.44 4.93 -0.63
CA ASP C 104 13.99 3.73 0.07
C ASP C 104 12.49 3.76 0.28
N ALA C 105 11.95 4.90 0.69
CA ALA C 105 10.56 5.25 0.46
C ALA C 105 10.52 6.60 -0.25
N VAL C 106 9.79 6.67 -1.35
CA VAL C 106 9.56 7.91 -2.09
C VAL C 106 8.08 8.21 -1.98
N VAL C 107 7.75 9.46 -1.65
CA VAL C 107 6.35 9.84 -1.47
C VAL C 107 6.06 11.06 -2.33
N VAL C 108 4.97 10.99 -3.08
CA VAL C 108 4.52 12.08 -3.94
C VAL C 108 3.12 12.48 -3.51
N ILE C 109 2.96 13.76 -3.18
CA ILE C 109 1.66 14.37 -2.90
C ILE C 109 1.32 15.28 -4.06
N ASN C 110 0.07 15.19 -4.55
CA ASN C 110 -0.32 16.03 -5.68
C ASN C 110 -1.71 16.62 -5.46
N TRP C 111 -1.87 17.87 -5.89
CA TRP C 111 -3.16 18.55 -5.87
C TRP C 111 -3.13 19.66 -6.90
N PRO C 112 -4.30 20.18 -7.32
CA PRO C 112 -5.63 19.71 -6.93
C PRO C 112 -6.02 18.45 -7.68
N LEU C 113 -7.11 17.85 -7.24
CA LEU C 113 -7.66 16.65 -7.85
C LEU C 113 -8.94 16.99 -8.58
N GLY C 114 -9.47 15.99 -9.29
CA GLY C 114 -10.78 16.11 -9.90
C GLY C 114 -10.76 16.59 -11.34
N ALA E 1 -2.70 -28.93 22.67
CA ALA E 1 -2.00 -29.18 21.42
C ALA E 1 -1.09 -28.01 21.06
N THR E 2 -0.06 -28.30 20.28
CA THR E 2 0.82 -27.27 19.77
C THR E 2 0.02 -26.27 18.95
N GLN E 3 0.35 -24.98 19.09
CA GLN E 3 -0.29 -23.93 18.34
C GLN E 3 0.78 -23.00 17.76
N GLY E 4 0.43 -22.32 16.68
CA GLY E 4 1.33 -21.38 16.05
C GLY E 4 2.42 -22.01 15.19
N VAL E 5 2.31 -23.30 14.87
CA VAL E 5 3.27 -23.98 14.01
C VAL E 5 2.55 -24.39 12.73
N PHE E 6 3.16 -24.08 11.59
CA PHE E 6 2.54 -24.35 10.29
C PHE E 6 3.58 -24.90 9.33
N THR E 7 3.19 -25.90 8.53
CA THR E 7 4.04 -26.44 7.47
C THR E 7 3.64 -25.77 6.16
N LEU E 8 4.52 -24.96 5.63
CA LEU E 8 4.34 -24.30 4.35
C LEU E 8 5.04 -25.10 3.26
N PRO E 9 4.68 -24.89 1.99
CA PRO E 9 5.49 -25.43 0.90
C PRO E 9 6.91 -24.89 1.00
N ALA E 10 7.86 -25.73 0.61
CA ALA E 10 9.26 -25.38 0.80
C ALA E 10 9.68 -24.22 -0.09
N ASN E 11 10.63 -23.42 0.40
CA ASN E 11 11.29 -22.36 -0.38
C ASN E 11 10.29 -21.41 -1.02
N THR E 12 9.25 -21.07 -0.27
CA THR E 12 8.13 -20.27 -0.74
C THR E 12 8.07 -18.96 0.05
N ARG E 13 7.88 -17.85 -0.66
CA ARG E 13 7.69 -16.57 0.00
C ARG E 13 6.31 -16.51 0.65
N PHE E 14 6.27 -15.96 1.86
CA PHE E 14 5.01 -15.74 2.55
C PHE E 14 5.05 -14.39 3.26
N GLY E 15 3.88 -13.78 3.42
CA GLY E 15 3.75 -12.58 4.21
C GLY E 15 3.44 -12.92 5.66
N VAL E 16 3.98 -12.12 6.58
CA VAL E 16 3.63 -12.23 7.98
C VAL E 16 3.39 -10.82 8.50
N THR E 17 2.24 -10.61 9.15
CA THR E 17 1.82 -9.29 9.60
C THR E 17 1.23 -9.41 10.99
N ALA E 18 1.62 -8.50 11.89
CA ALA E 18 1.16 -8.55 13.28
C ALA E 18 0.45 -7.26 13.67
N PHE E 19 -0.63 -7.42 14.42
CA PHE E 19 -1.44 -6.34 14.98
C PHE E 19 -1.45 -6.47 16.50
N ALA E 20 -1.56 -5.34 17.20
CA ALA E 20 -1.57 -5.34 18.65
C ALA E 20 -2.85 -4.74 19.20
N ASN E 21 -3.36 -5.34 20.29
CA ASN E 21 -4.58 -4.88 20.97
C ASN E 21 -4.41 -5.14 22.47
N SER E 22 -3.56 -4.37 23.13
CA SER E 22 -3.26 -4.63 24.54
C SER E 22 -2.52 -3.47 25.16
N SER E 23 -2.63 -3.37 26.49
CA SER E 23 -1.81 -2.39 27.23
C SER E 23 -0.33 -2.74 27.17
N GLY E 24 0.02 -3.99 26.94
CA GLY E 24 1.41 -4.43 26.99
C GLY E 24 2.04 -4.44 25.61
N THR E 25 3.34 -4.16 25.57
CA THR E 25 4.10 -4.28 24.33
C THR E 25 4.18 -5.74 23.92
N GLN E 26 3.77 -6.02 22.69
CA GLN E 26 3.77 -7.38 22.15
C GLN E 26 5.08 -7.62 21.40
N THR E 27 5.69 -8.78 21.63
CA THR E 27 6.88 -9.17 20.88
C THR E 27 6.56 -10.46 20.12
N VAL E 28 6.60 -10.37 18.79
CA VAL E 28 6.26 -11.47 17.90
C VAL E 28 7.54 -11.97 17.24
N ASN E 29 7.89 -13.23 17.48
CA ASN E 29 9.04 -13.86 16.85
C ASN E 29 8.54 -14.88 15.83
N VAL E 30 9.13 -14.86 14.63
CA VAL E 30 8.76 -15.80 13.59
C VAL E 30 9.98 -16.67 13.32
N LEU E 31 9.85 -17.97 13.56
CA LEU E 31 10.92 -18.92 13.33
C LEU E 31 10.69 -19.66 12.02
N VAL E 32 11.77 -19.82 11.24
CA VAL E 32 11.76 -20.66 10.06
C VAL E 32 12.83 -21.73 10.25
N ASN E 33 12.42 -23.01 10.17
CA ASN E 33 13.33 -24.12 10.43
C ASN E 33 13.99 -23.96 11.80
N ASN E 34 13.19 -23.52 12.78
CA ASN E 34 13.56 -23.35 14.18
C ASN E 34 14.60 -22.26 14.40
N GLU E 35 14.80 -21.35 13.44
CA GLU E 35 15.70 -20.21 13.59
C GLU E 35 14.94 -18.92 13.40
N THR E 36 15.25 -17.90 14.21
CA THR E 36 14.54 -16.63 14.12
C THR E 36 14.74 -16.00 12.75
N ALA E 37 13.63 -15.73 12.05
CA ALA E 37 13.65 -15.08 10.75
C ALA E 37 13.12 -13.65 10.79
N ALA E 38 12.27 -13.31 11.76
CA ALA E 38 11.78 -11.96 11.91
C ALA E 38 11.32 -11.77 13.35
N THR E 39 11.43 -10.52 13.82
CA THR E 39 10.92 -10.15 15.13
C THR E 39 10.24 -8.80 15.01
N PHE E 40 9.00 -8.70 15.49
CA PHE E 40 8.25 -7.46 15.58
C PHE E 40 7.97 -7.14 17.04
N SER E 41 7.93 -5.85 17.37
CA SER E 41 7.46 -5.47 18.68
C SER E 41 6.71 -4.14 18.57
N GLY E 42 5.71 -3.97 19.43
CA GLY E 42 4.99 -2.71 19.47
C GLY E 42 3.82 -2.79 20.42
N GLN E 43 3.21 -1.62 20.64
CA GLN E 43 2.08 -1.51 21.56
C GLN E 43 0.96 -0.70 20.93
N SER E 44 -0.26 -1.22 21.06
CA SER E 44 -1.45 -0.55 20.54
C SER E 44 -2.66 -1.16 21.20
N THR E 45 -3.68 -0.33 21.46
CA THR E 45 -5.00 -0.86 21.77
C THR E 45 -5.98 -0.58 20.63
N ASN E 46 -5.46 -0.27 19.44
CA ASN E 46 -6.30 0.08 18.30
C ASN E 46 -5.86 -0.67 17.04
N ASN E 47 -5.39 -1.92 17.22
CA ASN E 47 -5.12 -2.82 16.11
C ASN E 47 -4.01 -2.31 15.19
N ALA E 48 -3.07 -1.52 15.70
CA ALA E 48 -1.99 -1.02 14.86
C ALA E 48 -1.12 -2.17 14.34
N VAL E 49 -0.65 -2.02 13.10
CA VAL E 49 0.33 -2.95 12.55
C VAL E 49 1.66 -2.72 13.26
N ILE E 50 2.15 -3.74 13.97
CA ILE E 50 3.44 -3.63 14.64
C ILE E 50 4.56 -4.26 13.84
N GLY E 51 4.24 -4.85 12.69
CA GLY E 51 5.26 -5.36 11.80
C GLY E 51 4.64 -6.07 10.62
N THR E 52 5.31 -5.98 9.47
CA THR E 52 4.93 -6.78 8.31
C THR E 52 6.21 -7.04 7.53
N GLN E 53 6.30 -8.24 6.97
CA GLN E 53 7.53 -8.65 6.31
C GLN E 53 7.18 -9.79 5.37
N VAL E 54 8.04 -9.98 4.38
CA VAL E 54 7.96 -11.13 3.50
C VAL E 54 9.16 -12.02 3.81
N LEU E 55 8.89 -13.29 4.11
CA LEU E 55 9.93 -14.24 4.46
C LEU E 55 9.89 -15.41 3.48
N ASN E 56 10.97 -16.19 3.49
CA ASN E 56 11.07 -17.42 2.73
C ASN E 56 10.93 -18.61 3.67
N SER E 57 10.08 -19.57 3.29
CA SER E 57 9.81 -20.71 4.17
C SER E 57 10.97 -21.70 4.23
N GLY E 58 11.95 -21.58 3.34
CA GLY E 58 13.13 -22.42 3.42
C GLY E 58 12.87 -23.89 3.07
N SER E 59 13.93 -24.69 3.26
CA SER E 59 13.89 -26.07 2.80
C SER E 59 12.93 -26.94 3.59
N SER E 60 12.66 -26.60 4.85
CA SER E 60 11.77 -27.40 5.68
C SER E 60 10.31 -26.96 5.58
N GLY E 61 10.05 -25.70 5.21
CA GLY E 61 8.71 -25.16 5.25
C GLY E 61 8.15 -24.95 6.64
N LYS E 62 8.92 -25.22 7.69
CA LYS E 62 8.41 -25.12 9.06
C LYS E 62 8.44 -23.68 9.51
N VAL E 63 7.26 -23.14 9.86
CA VAL E 63 7.14 -21.77 10.33
C VAL E 63 6.48 -21.80 11.70
N GLN E 64 7.09 -21.10 12.66
CA GLN E 64 6.53 -21.07 14.00
C GLN E 64 6.41 -19.63 14.46
N VAL E 65 5.24 -19.28 14.99
CA VAL E 65 4.98 -17.96 15.54
C VAL E 65 5.01 -18.07 17.06
N GLN E 66 5.80 -17.21 17.71
CA GLN E 66 5.83 -17.09 19.16
C GLN E 66 5.47 -15.67 19.56
N VAL E 67 4.76 -15.52 20.66
CA VAL E 67 4.36 -14.21 21.17
C VAL E 67 4.72 -14.14 22.65
N SER E 68 5.40 -13.07 23.04
CA SER E 68 5.69 -12.85 24.44
C SER E 68 5.40 -11.40 24.79
N VAL E 69 5.07 -11.18 26.06
CA VAL E 69 4.77 -9.86 26.59
C VAL E 69 5.49 -9.76 27.92
N ASN E 70 6.35 -8.75 28.08
CA ASN E 70 7.09 -8.55 29.33
C ASN E 70 7.88 -9.79 29.72
N GLY E 71 8.38 -10.51 28.71
CA GLY E 71 9.15 -11.73 28.92
C GLY E 71 8.33 -12.97 29.14
N ARG E 72 7.00 -12.88 29.14
CA ARG E 72 6.14 -14.01 29.45
C ARG E 72 5.50 -14.51 28.16
N PRO E 73 5.64 -15.79 27.81
CA PRO E 73 4.96 -16.30 26.61
C PRO E 73 3.45 -16.19 26.73
N SER E 74 2.82 -15.69 25.66
CA SER E 74 1.37 -15.63 25.64
C SER E 74 0.77 -16.99 25.27
N ASP E 75 -0.48 -17.20 25.68
CA ASP E 75 -1.22 -18.39 25.26
C ASP E 75 -1.69 -18.21 23.83
N LEU E 76 -1.39 -19.18 22.97
CA LEU E 76 -1.65 -19.06 21.54
C LEU E 76 -2.83 -19.93 21.10
N VAL E 77 -3.57 -19.42 20.11
CA VAL E 77 -4.56 -20.20 19.36
C VAL E 77 -4.28 -20.00 17.87
N SER E 78 -4.52 -21.03 17.07
CA SER E 78 -4.13 -20.92 15.66
C SER E 78 -4.95 -21.87 14.81
N ALA E 79 -4.97 -21.59 13.51
CA ALA E 79 -5.52 -22.49 12.50
C ALA E 79 -5.03 -22.05 11.13
N GLN E 80 -5.10 -22.96 10.17
CA GLN E 80 -4.86 -22.65 8.77
C GLN E 80 -6.16 -22.81 7.99
N VAL E 81 -6.42 -21.88 7.09
CA VAL E 81 -7.61 -21.92 6.25
C VAL E 81 -7.18 -21.71 4.80
N ILE E 82 -7.80 -22.46 3.90
CA ILE E 82 -7.47 -22.41 2.47
C ILE E 82 -8.75 -22.14 1.70
N LEU E 83 -8.76 -21.07 0.91
CA LEU E 83 -9.90 -20.71 0.07
C LEU E 83 -9.59 -21.07 -1.38
N THR E 84 -10.65 -21.49 -2.11
CA THR E 84 -10.61 -22.01 -3.49
C THR E 84 -9.35 -22.84 -3.78
N ASN E 85 -8.96 -23.65 -2.79
CA ASN E 85 -7.87 -24.63 -2.93
C ASN E 85 -6.54 -23.98 -3.28
N GLU E 86 -6.36 -22.68 -3.04
CA GLU E 86 -5.17 -21.98 -3.49
C GLU E 86 -4.67 -20.94 -2.50
N LEU E 87 -5.57 -20.21 -1.86
CA LEU E 87 -5.22 -19.06 -1.05
C LEU E 87 -5.13 -19.48 0.41
N ASN E 88 -3.94 -19.35 1.01
CA ASN E 88 -3.67 -19.86 2.34
C ASN E 88 -3.54 -18.74 3.36
N PHE E 89 -4.19 -18.95 4.51
CA PHE E 89 -4.04 -18.10 5.67
C PHE E 89 -3.64 -18.96 6.86
N ALA E 90 -2.55 -18.60 7.53
CA ALA E 90 -2.21 -19.18 8.81
C ALA E 90 -2.41 -18.09 9.85
N LEU E 91 -3.28 -18.36 10.82
CA LEU E 91 -3.82 -17.35 11.71
C LEU E 91 -3.44 -17.66 13.15
N VAL E 92 -3.02 -16.65 13.89
CA VAL E 92 -2.62 -16.80 15.29
C VAL E 92 -3.27 -15.71 16.11
N GLY E 93 -3.91 -16.10 17.20
CA GLY E 93 -4.29 -15.15 18.25
C GLY E 93 -3.53 -15.44 19.52
N SER E 94 -3.50 -14.49 20.46
CA SER E 94 -2.71 -14.67 21.67
C SER E 94 -3.32 -13.88 22.81
N GLU E 95 -3.18 -14.41 24.03
CA GLU E 95 -3.72 -13.82 25.23
C GLU E 95 -2.58 -13.60 26.22
N ASP E 96 -2.43 -12.35 26.70
CA ASP E 96 -1.36 -12.01 27.62
C ASP E 96 -1.88 -11.80 29.04
N GLY E 97 -3.17 -11.96 29.26
CA GLY E 97 -3.78 -11.56 30.53
C GLY E 97 -4.95 -12.42 30.91
N THR E 98 -5.99 -11.80 31.47
CA THR E 98 -7.08 -12.55 32.08
C THR E 98 -8.38 -12.49 31.31
N ASP E 99 -8.55 -11.56 30.37
CA ASP E 99 -9.86 -11.33 29.78
C ASP E 99 -10.16 -12.27 28.63
N ASN E 100 -9.16 -13.01 28.14
CA ASN E 100 -9.36 -14.03 27.11
C ASN E 100 -10.02 -13.48 25.85
N ASP E 101 -9.62 -12.26 25.44
CA ASP E 101 -10.06 -11.82 24.12
C ASP E 101 -9.16 -12.35 23.00
N TYR E 102 -7.96 -12.85 23.34
CA TYR E 102 -7.04 -13.51 22.40
C TYR E 102 -6.69 -12.64 21.20
N ASN E 103 -6.77 -11.31 21.36
CA ASN E 103 -6.40 -10.40 20.30
C ASN E 103 -5.16 -9.59 20.63
N ASP E 104 -4.45 -9.94 21.70
CA ASP E 104 -3.44 -9.02 22.23
C ASP E 104 -2.31 -8.85 21.24
N ALA E 105 -1.91 -9.94 20.58
CA ALA E 105 -1.19 -9.89 19.32
C ALA E 105 -1.93 -10.81 18.37
N VAL E 106 -2.28 -10.30 17.20
CA VAL E 106 -2.92 -11.08 16.15
C VAL E 106 -1.92 -11.18 15.01
N VAL E 107 -1.66 -12.40 14.54
CA VAL E 107 -0.67 -12.60 13.49
C VAL E 107 -1.34 -13.30 12.32
N VAL E 108 -1.13 -12.76 11.12
CA VAL E 108 -1.67 -13.33 9.88
C VAL E 108 -0.49 -13.65 8.97
N ILE E 109 -0.40 -14.90 8.56
CA ILE E 109 0.55 -15.35 7.54
C ILE E 109 -0.26 -15.69 6.30
N ASN E 110 0.20 -15.25 5.12
CA ASN E 110 -0.53 -15.55 3.91
C ASN E 110 0.41 -15.91 2.76
N TRP E 111 -0.05 -16.84 1.92
CA TRP E 111 0.68 -17.26 0.74
C TRP E 111 -0.30 -17.98 -0.18
N PRO E 112 0.04 -18.15 -1.46
CA PRO E 112 1.19 -17.62 -2.19
C PRO E 112 1.13 -16.12 -2.33
N LEU E 113 2.29 -15.52 -2.59
CA LEU E 113 2.38 -14.12 -2.93
C LEU E 113 2.56 -13.99 -4.43
N GLY E 114 2.60 -12.76 -4.90
CA GLY E 114 2.94 -12.51 -6.29
C GLY E 114 1.78 -12.48 -7.26
N ALA G 1 7.57 25.56 -25.65
CA ALA G 1 8.74 24.70 -25.50
C ALA G 1 8.32 23.24 -25.44
N THR G 2 9.24 22.36 -25.82
CA THR G 2 9.00 20.93 -25.69
C THR G 2 8.79 20.58 -24.23
N GLN G 3 7.79 19.75 -23.98
CA GLN G 3 7.47 19.30 -22.63
C GLN G 3 7.32 17.78 -22.65
N GLY G 4 7.56 17.18 -21.49
CA GLY G 4 7.39 15.73 -21.37
C GLY G 4 8.53 14.92 -21.92
N VAL G 5 9.67 15.54 -22.23
CA VAL G 5 10.86 14.84 -22.72
C VAL G 5 11.94 14.97 -21.65
N PHE G 6 12.53 13.85 -21.26
CA PHE G 6 13.56 13.85 -20.23
C PHE G 6 14.74 12.99 -20.68
N THR G 7 15.96 13.47 -20.40
CA THR G 7 17.17 12.69 -20.62
C THR G 7 17.58 12.05 -19.30
N LEU G 8 17.45 10.73 -19.22
CA LEU G 8 17.87 9.95 -18.08
C LEU G 8 19.28 9.42 -18.31
N PRO G 9 19.97 9.01 -17.25
CA PRO G 9 21.21 8.25 -17.44
C PRO G 9 20.92 7.02 -18.28
N ALA G 10 21.88 6.65 -19.12
CA ALA G 10 21.67 5.52 -20.02
C ALA G 10 21.52 4.22 -19.23
N ASN G 11 20.74 3.30 -19.79
CA ASN G 11 20.62 1.93 -19.30
C ASN G 11 20.30 1.88 -17.81
N THR G 12 19.35 2.71 -17.40
CA THR G 12 18.96 2.86 -16.00
C THR G 12 17.48 2.55 -15.84
N ARG G 13 17.14 1.73 -14.84
CA ARG G 13 15.75 1.44 -14.55
C ARG G 13 15.09 2.67 -13.93
N PHE G 14 13.86 2.94 -14.37
CA PHE G 14 13.09 4.03 -13.80
C PHE G 14 11.64 3.60 -13.64
N GLY G 15 10.96 4.21 -12.67
CA GLY G 15 9.54 3.99 -12.49
C GLY G 15 8.74 5.05 -13.23
N VAL G 16 7.60 4.65 -13.77
CA VAL G 16 6.64 5.59 -14.35
C VAL G 16 5.26 5.24 -13.83
N THR G 17 4.55 6.25 -13.34
CA THR G 17 3.25 6.09 -12.69
C THR G 17 2.33 7.19 -13.17
N ALA G 18 1.10 6.83 -13.54
CA ALA G 18 0.13 7.81 -14.04
C ALA G 18 -1.13 7.80 -13.20
N PHE G 19 -1.63 9.01 -12.92
CA PHE G 19 -2.87 9.27 -12.20
C PHE G 19 -3.85 10.01 -13.13
N ALA G 20 -5.15 9.80 -12.93
CA ALA G 20 -6.18 10.43 -13.73
C ALA G 20 -7.11 11.29 -12.89
N ASN G 21 -7.46 12.48 -13.43
CA ASN G 21 -8.37 13.45 -12.79
C ASN G 21 -9.19 14.14 -13.89
N SER G 22 -10.13 13.41 -14.50
CA SER G 22 -10.85 13.95 -15.65
C SER G 22 -12.02 13.03 -15.97
N SER G 23 -13.03 13.59 -16.63
CA SER G 23 -14.11 12.74 -17.15
C SER G 23 -13.64 11.86 -18.29
N GLY G 24 -12.53 12.19 -18.94
CA GLY G 24 -12.09 11.50 -20.14
C GLY G 24 -11.08 10.41 -19.83
N THR G 25 -11.20 9.29 -20.54
CA THR G 25 -10.18 8.25 -20.43
C THR G 25 -8.83 8.81 -20.91
N GLN G 26 -7.81 8.66 -20.07
CA GLN G 26 -6.49 9.18 -20.38
C GLN G 26 -5.66 8.07 -21.00
N THR G 27 -5.08 8.36 -22.17
CA THR G 27 -4.13 7.45 -22.82
C THR G 27 -2.75 8.05 -22.65
N VAL G 28 -1.93 7.44 -21.79
CA VAL G 28 -0.58 7.91 -21.47
C VAL G 28 0.42 6.98 -22.13
N ASN G 29 1.19 7.51 -23.07
CA ASN G 29 2.19 6.74 -23.79
C ASN G 29 3.60 7.13 -23.33
N VAL G 30 4.44 6.12 -23.11
CA VAL G 30 5.81 6.33 -22.66
C VAL G 30 6.74 5.80 -23.73
N LEU G 31 7.53 6.69 -24.31
CA LEU G 31 8.52 6.36 -25.32
C LEU G 31 9.90 6.27 -24.70
N VAL G 32 10.68 5.29 -25.16
CA VAL G 32 12.10 5.19 -24.85
C VAL G 32 12.83 5.09 -26.18
N ASN G 33 13.79 5.98 -26.41
CA ASN G 33 14.51 6.05 -27.68
C ASN G 33 13.53 6.17 -28.85
N ASN G 34 12.51 6.99 -28.66
CA ASN G 34 11.50 7.36 -29.66
C ASN G 34 10.59 6.20 -30.07
N GLU G 35 10.59 5.10 -29.31
CA GLU G 35 9.72 3.96 -29.58
C GLU G 35 8.85 3.70 -28.36
N THR G 36 7.57 3.37 -28.61
CA THR G 36 6.64 3.08 -27.52
C THR G 36 7.15 1.94 -26.63
N ALA G 37 7.26 2.21 -25.33
CA ALA G 37 7.69 1.21 -24.36
C ALA G 37 6.58 0.79 -23.41
N ALA G 38 5.60 1.65 -23.17
CA ALA G 38 4.47 1.32 -22.32
C ALA G 38 3.34 2.28 -22.63
N THR G 39 2.11 1.79 -22.49
CA THR G 39 0.92 2.63 -22.65
C THR G 39 -0.05 2.33 -21.54
N PHE G 40 -0.48 3.36 -20.82
CA PHE G 40 -1.48 3.26 -19.76
C PHE G 40 -2.78 3.87 -20.26
N SER G 41 -3.90 3.31 -19.79
CA SER G 41 -5.22 3.86 -20.11
C SER G 41 -6.15 3.67 -18.93
N GLY G 42 -6.92 4.71 -18.61
CA GLY G 42 -7.86 4.61 -17.51
C GLY G 42 -8.58 5.92 -17.33
N GLN G 43 -9.65 5.86 -16.53
CA GLN G 43 -10.47 7.04 -16.26
C GLN G 43 -10.73 7.14 -14.77
N SER G 44 -10.57 8.34 -14.23
CA SER G 44 -10.85 8.60 -12.82
C SER G 44 -11.00 10.11 -12.64
N THR G 45 -11.91 10.50 -11.75
CA THR G 45 -11.93 11.88 -11.26
C THR G 45 -11.42 11.96 -9.83
N ASN G 46 -10.76 10.91 -9.34
CA ASN G 46 -10.32 10.85 -7.97
C ASN G 46 -8.89 10.36 -7.86
N ASN G 47 -8.05 10.73 -8.83
CA ASN G 47 -6.60 10.50 -8.77
C ASN G 47 -6.22 9.02 -8.79
N ALA G 48 -7.05 8.16 -9.36
CA ALA G 48 -6.70 6.75 -9.37
C ALA G 48 -5.44 6.53 -10.19
N VAL G 49 -4.63 5.57 -9.75
CA VAL G 49 -3.48 5.13 -10.54
C VAL G 49 -3.99 4.34 -11.72
N ILE G 50 -3.71 4.82 -12.94
CA ILE G 50 -4.15 4.14 -14.14
C ILE G 50 -3.04 3.32 -14.77
N GLY G 51 -1.83 3.40 -14.25
CA GLY G 51 -0.76 2.54 -14.70
C GLY G 51 0.50 2.78 -13.90
N THR G 52 1.30 1.73 -13.73
CA THR G 52 2.59 1.89 -13.08
C THR G 52 3.47 0.78 -13.59
N GLN G 53 4.74 1.11 -13.83
CA GLN G 53 5.62 0.21 -14.57
C GLN G 53 7.05 0.58 -14.25
N VAL G 54 7.94 -0.40 -14.39
CA VAL G 54 9.38 -0.16 -14.38
C VAL G 54 9.90 -0.41 -15.79
N LEU G 55 10.66 0.56 -16.30
CA LEU G 55 11.23 0.52 -17.63
C LEU G 55 12.72 0.78 -17.55
N ASN G 56 13.42 0.52 -18.65
CA ASN G 56 14.84 0.80 -18.77
C ASN G 56 15.04 1.93 -19.77
N SER G 57 15.87 2.92 -19.40
CA SER G 57 16.08 4.07 -20.27
C SER G 57 16.87 3.74 -21.52
N GLY G 58 17.50 2.57 -21.58
CA GLY G 58 18.20 2.16 -22.78
C GLY G 58 19.42 3.01 -23.10
N SER G 59 19.96 2.75 -24.29
CA SER G 59 21.25 3.35 -24.67
C SER G 59 21.14 4.86 -24.87
N SER G 60 19.96 5.37 -25.21
CA SER G 60 19.81 6.79 -25.46
C SER G 60 19.44 7.59 -24.22
N GLY G 61 18.83 6.96 -23.22
CA GLY G 61 18.31 7.66 -22.07
C GLY G 61 17.13 8.57 -22.34
N LYS G 62 16.65 8.66 -23.59
CA LYS G 62 15.57 9.60 -23.91
C LYS G 62 14.22 8.99 -23.58
N VAL G 63 13.48 9.65 -22.70
CA VAL G 63 12.15 9.21 -22.28
C VAL G 63 11.17 10.32 -22.63
N GLN G 64 10.08 9.97 -23.29
CA GLN G 64 9.07 10.96 -23.64
C GLN G 64 7.70 10.46 -23.22
N VAL G 65 6.91 11.36 -22.63
CA VAL G 65 5.54 11.07 -22.23
C VAL G 65 4.59 11.78 -23.19
N GLN G 66 3.60 11.06 -23.69
CA GLN G 66 2.52 11.63 -24.49
C GLN G 66 1.19 11.37 -23.80
N VAL G 67 0.25 12.30 -23.92
CA VAL G 67 -1.07 12.12 -23.37
C VAL G 67 -2.11 12.50 -24.42
N SER G 68 -3.05 11.59 -24.67
CA SER G 68 -4.16 11.85 -25.57
C SER G 68 -5.45 11.46 -24.87
N VAL G 69 -6.51 12.21 -25.15
CA VAL G 69 -7.81 12.05 -24.50
C VAL G 69 -8.88 12.31 -25.54
N ASN G 70 -9.79 11.35 -25.72
CA ASN G 70 -10.93 11.52 -26.62
C ASN G 70 -10.49 11.99 -28.01
N GLY G 71 -9.37 11.44 -28.47
CA GLY G 71 -8.89 11.72 -29.82
C GLY G 71 -8.22 13.07 -30.01
N ARG G 72 -7.81 13.72 -28.93
CA ARG G 72 -7.14 15.02 -29.01
C ARG G 72 -5.89 14.97 -28.13
N PRO G 73 -4.79 15.57 -28.59
CA PRO G 73 -3.58 15.58 -27.75
C PRO G 73 -3.74 16.56 -26.59
N SER G 74 -3.36 16.12 -25.41
CA SER G 74 -3.40 17.00 -24.25
C SER G 74 -2.19 17.92 -24.25
N ASP G 75 -2.38 19.09 -23.65
CA ASP G 75 -1.28 20.03 -23.50
C ASP G 75 -0.46 19.65 -22.26
N LEU G 76 0.85 19.52 -22.43
CA LEU G 76 1.72 19.03 -21.36
C LEU G 76 2.49 20.16 -20.70
N VAL G 77 2.71 20.00 -19.39
CA VAL G 77 3.68 20.79 -18.64
C VAL G 77 4.59 19.81 -17.89
N SER G 78 5.85 20.19 -17.70
CA SER G 78 6.78 19.23 -17.11
C SER G 78 7.97 19.92 -16.48
N ALA G 79 8.65 19.19 -15.59
CA ALA G 79 9.93 19.63 -15.03
C ALA G 79 10.59 18.42 -14.39
N GLN G 80 11.91 18.54 -14.17
CA GLN G 80 12.65 17.55 -13.42
C GLN G 80 13.18 18.20 -12.15
N VAL G 81 13.13 17.48 -11.03
CA VAL G 81 13.63 17.96 -9.74
C VAL G 81 14.56 16.90 -9.16
N ILE G 82 15.69 17.35 -8.62
CA ILE G 82 16.69 16.47 -8.03
C ILE G 82 16.88 16.87 -6.57
N LEU G 83 16.69 15.92 -5.66
CA LEU G 83 16.89 16.14 -4.23
C LEU G 83 18.19 15.46 -3.77
N THR G 84 18.90 16.17 -2.86
CA THR G 84 20.20 15.83 -2.32
C THR G 84 21.13 15.22 -3.37
N ASN G 85 21.05 15.75 -4.59
CA ASN G 85 21.96 15.40 -5.68
C ASN G 85 21.90 13.93 -6.05
N GLU G 86 20.77 13.27 -5.76
CA GLU G 86 20.68 11.83 -5.86
C GLU G 86 19.35 11.36 -6.41
N LEU G 87 18.26 11.91 -5.89
CA LEU G 87 16.93 11.40 -6.13
C LEU G 87 16.24 12.25 -7.18
N ASN G 88 15.82 11.62 -8.27
CA ASN G 88 15.30 12.32 -9.44
C ASN G 88 13.80 12.09 -9.60
N PHE G 89 13.08 13.18 -9.83
CA PHE G 89 11.68 13.15 -10.25
C PHE G 89 11.56 13.83 -11.60
N ALA G 90 10.88 13.18 -12.54
CA ALA G 90 10.46 13.81 -13.77
C ALA G 90 8.94 13.84 -13.75
N LEU G 91 8.37 15.04 -13.79
CA LEU G 91 6.96 15.26 -13.52
C LEU G 91 6.27 15.82 -14.75
N VAL G 92 5.06 15.32 -15.01
CA VAL G 92 4.25 15.77 -16.13
C VAL G 92 2.84 16.04 -15.64
N GLY G 93 2.31 17.20 -16.01
CA GLY G 93 0.88 17.48 -15.92
C GLY G 93 0.29 17.62 -17.31
N SER G 94 -1.03 17.57 -17.43
CA SER G 94 -1.60 17.63 -18.76
C SER G 94 -3.03 18.14 -18.67
N GLU G 95 -3.44 18.86 -19.71
CA GLU G 95 -4.76 19.46 -19.79
C GLU G 95 -5.45 18.94 -21.05
N ASP G 96 -6.64 18.35 -20.88
CA ASP G 96 -7.40 17.80 -21.99
C ASP G 96 -8.58 18.66 -22.39
N GLY G 97 -8.79 19.80 -21.73
CA GLY G 97 -9.99 20.57 -21.96
C GLY G 97 -9.76 22.06 -21.81
N THR G 98 -10.65 22.73 -21.08
CA THR G 98 -10.63 24.19 -21.01
C THR G 98 -10.43 24.76 -19.62
N ASP G 99 -10.50 23.95 -18.56
CA ASP G 99 -10.45 24.52 -17.22
C ASP G 99 -9.03 24.75 -16.72
N ASN G 100 -8.03 24.21 -17.42
CA ASN G 100 -6.62 24.48 -17.14
C ASN G 100 -6.23 24.13 -15.70
N ASP G 101 -6.76 23.01 -15.20
CA ASP G 101 -6.22 22.49 -13.95
C ASP G 101 -4.99 21.60 -14.15
N TYR G 102 -4.75 21.14 -15.38
CA TYR G 102 -3.49 20.45 -15.77
C TYR G 102 -3.23 19.21 -14.92
N ASN G 103 -4.28 18.61 -14.38
CA ASN G 103 -4.16 17.39 -13.59
C ASN G 103 -4.83 16.20 -14.26
N ASP G 104 -5.25 16.34 -15.51
CA ASP G 104 -6.16 15.36 -16.10
C ASP G 104 -5.47 14.01 -16.24
N ALA G 105 -4.22 14.02 -16.69
CA ALA G 105 -3.27 12.94 -16.44
C ALA G 105 -2.04 13.54 -15.79
N VAL G 106 -1.63 12.95 -14.68
CA VAL G 106 -0.42 13.34 -13.95
C VAL G 106 0.53 12.16 -14.00
N VAL G 107 1.76 12.41 -14.41
CA VAL G 107 2.75 11.34 -14.59
C VAL G 107 3.96 11.65 -13.72
N VAL G 108 4.39 10.65 -12.95
CA VAL G 108 5.58 10.74 -12.12
C VAL G 108 6.57 9.69 -12.58
N ILE G 109 7.74 10.14 -12.98
CA ILE G 109 8.87 9.26 -13.30
C ILE G 109 9.91 9.46 -12.21
N ASN G 110 10.44 8.37 -11.66
CA ASN G 110 11.43 8.50 -10.60
C ASN G 110 12.57 7.50 -10.80
N TRP G 111 13.76 7.93 -10.43
CA TRP G 111 14.95 7.08 -10.46
C TRP G 111 15.99 7.69 -9.53
N PRO G 112 16.99 6.92 -9.11
CA PRO G 112 17.18 5.47 -9.31
C PRO G 112 16.20 4.62 -8.52
N LEU G 113 16.06 3.35 -8.91
CA LEU G 113 15.25 2.39 -8.20
C LEU G 113 16.17 1.45 -7.41
N GLY G 114 15.54 0.56 -6.64
CA GLY G 114 16.27 -0.49 -5.96
C GLY G 114 16.85 -0.14 -4.59
#